data_2VGC
#
_entry.id   2VGC
#
_cell.length_a   69.689
_cell.length_b   69.689
_cell.length_c   96.787
_cell.angle_alpha   90.00
_cell.angle_beta   90.00
_cell.angle_gamma   90.00
#
_symmetry.space_group_name_H-M   'P 42 21 2'
#
loop_
_entity.id
_entity.type
_entity.pdbx_description
1 polymer 'GAMMA CHYMOTRYPSIN'
2 polymer 'GAMMA CHYMOTRYPSIN'
3 polymer 'GAMMA CHYMOTRYPSIN'
4 non-polymer 'SULFATE ION'
5 non-polymer 'D-1-(4-CHLOROPHENYL)-2-(ACETAMIDO)ETHANE BORONIC ACID'
6 water water
#
loop_
_entity_poly.entity_id
_entity_poly.type
_entity_poly.pdbx_seq_one_letter_code
_entity_poly.pdbx_strand_id
1 'polypeptide(L)' CGVPAIQPVLSGL A
2 'polypeptide(L)'
;IVNGEEAVPGSWPWQVSLQDKTGFHFCGGSLINENWVVTAAHCGVTTSDVVVAGEFDQGSSSEKIQKLKIAKVFKNSKYN
SLTINNDITLLKLSTAASFSQTVSAVCLPSASDDFAAGTTCVTTGWGLTRY
;
B
3 'polypeptide(L)'
;ANTPDRLQQASLPLLSNTNCKKYWGTKIKDAMICAGASGVSSCMGDSGGPLVCKKNGAWTLVGIVSWGSSTCSTSTPGVY
ARVTALVNWVQQTLAAN
;
C
#
loop_
_chem_comp.id
_chem_comp.type
_chem_comp.name
_chem_comp.formula
SO4 non-polymer 'SULFATE ION' 'O4 S -2'
V35 non-polymer 'D-1-(4-CHLOROPHENYL)-2-(ACETAMIDO)ETHANE BORONIC ACID' 'C10 H14 B Cl N O4 -1'
#
# COMPACT_ATOMS: atom_id res chain seq x y z
N CYS A 1 -15.51 5.96 3.27
CA CYS A 1 -14.17 5.47 2.80
C CYS A 1 -14.25 4.80 1.43
N GLY A 2 -13.10 4.67 0.77
CA GLY A 2 -13.05 3.96 -0.50
C GLY A 2 -13.69 4.50 -1.74
N VAL A 3 -14.33 5.68 -1.68
CA VAL A 3 -14.90 6.22 -2.91
C VAL A 3 -14.29 7.60 -3.19
N PRO A 4 -13.29 7.63 -4.07
CA PRO A 4 -12.57 8.86 -4.46
C PRO A 4 -13.49 9.87 -5.08
N ALA A 5 -13.17 11.14 -4.88
CA ALA A 5 -13.93 12.24 -5.46
C ALA A 5 -13.53 12.36 -6.95
N ILE A 6 -12.30 11.96 -7.26
CA ILE A 6 -11.80 11.96 -8.61
C ILE A 6 -11.71 10.48 -8.97
N GLN A 7 -12.61 10.06 -9.84
CA GLN A 7 -12.73 8.66 -10.26
C GLN A 7 -11.51 8.13 -11.00
N PRO A 8 -10.87 7.06 -10.49
CA PRO A 8 -9.70 6.51 -11.18
C PRO A 8 -10.13 5.92 -12.53
N VAL A 9 -9.28 6.08 -13.53
CA VAL A 9 -9.57 5.54 -14.85
C VAL A 9 -8.48 4.51 -15.12
N LEU A 10 -8.93 3.26 -15.21
CA LEU A 10 -8.05 2.10 -15.48
C LEU A 10 -8.10 1.65 -16.94
N ILE B 1 6.26 0.27 -9.80
CA ILE B 1 5.43 -0.69 -10.57
C ILE B 1 5.97 -0.90 -11.99
N VAL B 2 6.38 -2.11 -12.32
CA VAL B 2 6.90 -2.40 -13.67
C VAL B 2 5.68 -2.68 -14.54
N ASN B 3 5.59 -1.98 -15.67
CA ASN B 3 4.48 -2.20 -16.63
C ASN B 3 3.15 -1.57 -16.27
N GLY B 4 3.17 -0.61 -15.36
CA GLY B 4 1.95 0.06 -14.97
C GLY B 4 1.78 1.25 -15.88
N GLU B 5 0.87 2.13 -15.47
CA GLU B 5 0.59 3.34 -16.21
C GLU B 5 0.37 4.45 -15.22
N GLU B 6 0.49 5.67 -15.72
CA GLU B 6 0.30 6.87 -14.94
C GLU B 6 -1.15 6.94 -14.49
N ALA B 7 -1.38 7.25 -13.23
CA ALA B 7 -2.73 7.37 -12.69
C ALA B 7 -3.34 8.72 -13.01
N VAL B 8 -4.66 8.86 -12.84
CA VAL B 8 -5.37 10.14 -13.02
C VAL B 8 -4.98 10.83 -11.70
N PRO B 9 -4.44 12.06 -11.74
CA PRO B 9 -4.04 12.73 -10.50
C PRO B 9 -5.18 12.90 -9.53
N GLY B 10 -4.92 12.55 -8.27
CA GLY B 10 -5.91 12.66 -7.23
C GLY B 10 -6.93 11.55 -7.18
N SER B 11 -6.84 10.57 -8.08
CA SER B 11 -7.80 9.48 -8.13
C SER B 11 -7.59 8.33 -7.13
N TRP B 12 -6.46 8.34 -6.43
CA TRP B 12 -6.16 7.33 -5.41
C TRP B 12 -5.82 8.26 -4.25
N PRO B 13 -6.84 8.93 -3.71
CA PRO B 13 -6.64 9.87 -2.61
C PRO B 13 -6.05 9.39 -1.30
N TRP B 14 -6.02 8.08 -1.06
CA TRP B 14 -5.45 7.54 0.16
C TRP B 14 -3.98 7.23 0.06
N GLN B 15 -3.45 7.32 -1.14
CA GLN B 15 -2.06 7.01 -1.35
C GLN B 15 -1.17 8.11 -0.86
N VAL B 16 -0.25 7.76 0.03
CA VAL B 16 0.71 8.71 0.55
C VAL B 16 2.11 8.22 0.18
N SER B 17 3.08 9.12 0.32
CA SER B 17 4.46 8.81 0.05
C SER B 17 5.23 9.01 1.35
N LEU B 18 6.09 8.06 1.69
CA LEU B 18 6.91 8.20 2.87
C LEU B 18 8.25 8.68 2.32
N GLN B 19 8.70 9.85 2.77
CA GLN B 19 9.96 10.41 2.32
C GLN B 19 10.83 10.70 3.53
N ASP B 20 12.13 10.48 3.41
CA ASP B 20 13.00 10.79 4.56
C ASP B 20 13.23 12.32 4.62
N LYS B 21 13.96 12.83 5.61
CA LYS B 21 14.18 14.28 5.73
C LYS B 21 14.92 14.91 4.54
N THR B 22 15.54 14.05 3.76
CA THR B 22 16.28 14.38 2.56
C THR B 22 15.31 14.70 1.42
N GLY B 23 14.06 14.22 1.54
CA GLY B 23 13.06 14.41 0.50
C GLY B 23 13.01 13.22 -0.44
N PHE B 24 13.67 12.13 -0.05
CA PHE B 24 13.75 10.89 -0.85
C PHE B 24 12.56 9.96 -0.61
N HIS B 25 11.82 9.65 -1.67
CA HIS B 25 10.68 8.74 -1.56
C HIS B 25 11.21 7.32 -1.34
N PHE B 26 10.79 6.65 -0.30
CA PHE B 26 11.27 5.31 -0.05
C PHE B 26 10.16 4.23 0.11
N CYS B 27 8.91 4.65 0.34
CA CYS B 27 7.80 3.72 0.53
C CYS B 27 6.48 4.42 0.34
N GLY B 28 5.43 3.61 0.20
CA GLY B 28 4.10 4.15 0.05
C GLY B 28 3.34 3.81 1.31
N GLY B 29 2.08 4.21 1.36
CA GLY B 29 1.25 3.94 2.52
C GLY B 29 -0.16 4.36 2.18
N SER B 30 -1.11 4.01 3.05
CA SER B 30 -2.50 4.37 2.83
C SER B 30 -3.11 5.00 4.06
N LEU B 31 -3.85 6.10 3.86
CA LEU B 31 -4.54 6.79 4.96
C LEU B 31 -5.80 6.00 5.28
N ILE B 32 -6.00 5.68 6.56
CA ILE B 32 -7.21 4.95 6.93
C ILE B 32 -8.22 5.88 7.65
N ASN B 33 -7.75 7.10 7.92
CA ASN B 33 -8.51 8.21 8.52
C ASN B 33 -7.51 9.36 8.59
N GLU B 34 -7.89 10.53 9.07
CA GLU B 34 -6.93 11.63 9.09
C GLU B 34 -5.74 11.57 10.02
N ASN B 35 -5.76 10.67 11.00
CA ASN B 35 -4.63 10.59 11.95
C ASN B 35 -3.78 9.33 11.84
N TRP B 36 -4.18 8.40 10.98
CA TRP B 36 -3.48 7.13 10.88
C TRP B 36 -3.17 6.70 9.46
N VAL B 37 -1.95 6.21 9.25
CA VAL B 37 -1.49 5.71 7.96
C VAL B 37 -1.06 4.26 8.15
N VAL B 38 -1.42 3.38 7.21
CA VAL B 38 -0.97 1.98 7.28
C VAL B 38 0.11 1.86 6.23
N THR B 39 1.16 1.15 6.57
CA THR B 39 2.27 0.94 5.67
C THR B 39 2.91 -0.40 6.03
N ALA B 40 4.03 -0.73 5.42
CA ALA B 40 4.67 -2.01 5.72
C ALA B 40 5.71 -1.88 6.79
N ALA B 41 5.83 -2.91 7.59
CA ALA B 41 6.81 -2.91 8.65
C ALA B 41 8.21 -2.96 8.06
N HIS B 42 8.37 -3.55 6.89
CA HIS B 42 9.72 -3.61 6.33
C HIS B 42 10.22 -2.24 5.86
N CYS B 43 9.32 -1.28 5.72
CA CYS B 43 9.76 0.06 5.31
C CYS B 43 10.69 0.72 6.32
N GLY B 44 10.68 0.24 7.56
CA GLY B 44 11.55 0.78 8.60
C GLY B 44 11.42 2.28 8.84
N VAL B 45 10.18 2.74 8.91
CA VAL B 45 9.86 4.14 9.12
C VAL B 45 10.26 4.59 10.54
N THR B 46 10.75 5.83 10.67
CA THR B 46 11.12 6.41 11.97
C THR B 46 10.35 7.72 12.04
N THR B 47 10.38 8.37 13.19
CA THR B 47 9.67 9.63 13.39
C THR B 47 10.30 10.83 12.68
N SER B 48 11.45 10.63 12.05
CA SER B 48 12.14 11.68 11.30
C SER B 48 11.69 11.71 9.85
N ASP B 49 10.91 10.69 9.46
CA ASP B 49 10.42 10.60 8.10
C ASP B 49 9.11 11.38 7.97
N VAL B 50 8.74 11.77 6.76
CA VAL B 50 7.54 12.54 6.54
C VAL B 50 6.51 11.81 5.68
N VAL B 51 5.24 12.01 5.98
CA VAL B 51 4.14 11.43 5.21
C VAL B 51 3.66 12.55 4.31
N VAL B 52 3.69 12.34 3.00
CA VAL B 52 3.25 13.35 2.06
C VAL B 52 1.92 12.92 1.44
N ALA B 53 0.88 13.70 1.69
CA ALA B 53 -0.45 13.43 1.18
C ALA B 53 -0.84 14.42 0.07
N GLY B 54 -1.72 13.98 -0.83
CA GLY B 54 -2.18 14.81 -1.92
C GLY B 54 -1.21 15.03 -3.07
N GLU B 55 -0.12 14.27 -3.10
CA GLU B 55 0.89 14.42 -4.14
C GLU B 55 0.61 13.51 -5.35
N PHE B 56 1.01 13.96 -6.53
CA PHE B 56 0.84 13.14 -7.71
C PHE B 56 2.17 13.06 -8.41
N ASP B 57 2.73 14.24 -8.68
CA ASP B 57 3.99 14.38 -9.37
C ASP B 57 5.03 14.87 -8.38
N GLN B 58 5.90 13.98 -7.94
CA GLN B 58 6.91 14.33 -6.96
C GLN B 58 7.91 15.37 -7.45
N GLY B 59 7.82 15.73 -8.72
CA GLY B 59 8.74 16.70 -9.29
C GLY B 59 8.10 18.05 -9.53
N SER B 60 6.85 18.20 -9.11
CA SER B 60 6.13 19.45 -9.27
C SER B 60 6.28 20.33 -8.04
N SER B 61 6.36 21.64 -8.26
CA SER B 61 6.48 22.61 -7.18
C SER B 61 5.12 23.25 -6.92
N SER B 62 4.16 23.00 -7.79
CA SER B 62 2.85 23.64 -7.68
C SER B 62 1.68 22.84 -7.13
N GLU B 63 1.95 21.64 -6.64
CA GLU B 63 0.85 20.86 -6.07
C GLU B 63 0.70 21.24 -4.60
N LYS B 64 -0.55 21.39 -4.17
CA LYS B 64 -0.84 21.72 -2.77
C LYS B 64 -0.86 20.39 -1.99
N ILE B 65 0.32 19.95 -1.59
CA ILE B 65 0.46 18.70 -0.85
C ILE B 65 0.50 19.02 0.64
N GLN B 66 0.35 17.98 1.46
CA GLN B 66 0.39 18.09 2.90
C GLN B 66 1.55 17.23 3.42
N LYS B 67 2.53 17.86 4.06
CA LYS B 67 3.67 17.11 4.60
C LYS B 67 3.32 16.95 6.07
N LEU B 68 3.08 15.72 6.47
CA LEU B 68 2.67 15.39 7.82
C LEU B 68 3.72 14.66 8.66
N LYS B 69 3.99 15.19 9.83
CA LYS B 69 4.96 14.59 10.73
C LYS B 69 4.37 13.37 11.42
N ILE B 70 5.25 12.46 11.80
CA ILE B 70 4.85 11.23 12.46
C ILE B 70 5.10 11.32 13.95
N ALA B 71 4.07 11.05 14.75
CA ALA B 71 4.20 11.08 16.20
C ALA B 71 4.72 9.73 16.75
N LYS B 72 4.14 8.63 16.28
CA LYS B 72 4.51 7.31 16.76
C LYS B 72 4.46 6.26 15.64
N VAL B 73 5.36 5.30 15.73
CA VAL B 73 5.45 4.20 14.77
C VAL B 73 5.04 2.93 15.51
N PHE B 74 3.97 2.32 15.05
CA PHE B 74 3.47 1.09 15.66
C PHE B 74 3.74 -0.11 14.76
N LYS B 75 4.82 -0.80 15.04
CA LYS B 75 5.21 -1.99 14.28
C LYS B 75 4.47 -3.17 14.91
N ASN B 76 3.71 -3.93 14.11
CA ASN B 76 2.96 -5.07 14.61
C ASN B 76 3.97 -5.96 15.35
N SER B 77 3.78 -6.23 16.64
CA SER B 77 4.73 -7.07 17.37
C SER B 77 4.80 -8.49 16.79
N LYS B 78 3.80 -8.86 16.00
CA LYS B 78 3.77 -10.17 15.36
C LYS B 78 4.66 -10.18 14.10
N TYR B 79 5.13 -9.02 13.66
CA TYR B 79 5.98 -8.95 12.48
C TYR B 79 7.23 -9.79 12.69
N ASN B 80 7.51 -10.64 11.70
CA ASN B 80 8.68 -11.49 11.74
C ASN B 80 9.52 -11.00 10.58
N SER B 81 10.62 -10.32 10.86
CA SER B 81 11.46 -9.78 9.78
C SER B 81 12.27 -10.82 8.99
N LEU B 82 12.43 -12.01 9.57
CA LEU B 82 13.16 -13.09 8.91
C LEU B 82 12.27 -13.70 7.82
N THR B 83 10.98 -13.85 8.11
CA THR B 83 10.05 -14.41 7.16
C THR B 83 9.21 -13.37 6.38
N ILE B 84 9.30 -12.11 6.83
CA ILE B 84 8.54 -10.97 6.32
C ILE B 84 7.06 -11.23 6.46
N ASN B 85 6.69 -11.90 7.54
CA ASN B 85 5.30 -12.20 7.81
C ASN B 85 4.72 -11.14 8.76
N ASN B 86 3.42 -10.85 8.57
CA ASN B 86 2.68 -9.85 9.36
C ASN B 86 3.37 -8.51 9.21
N ASP B 87 3.65 -8.20 7.95
CA ASP B 87 4.35 -7.00 7.54
C ASP B 87 3.43 -5.77 7.49
N ILE B 88 3.11 -5.25 8.67
CA ILE B 88 2.26 -4.07 8.79
C ILE B 88 2.71 -3.15 9.93
N THR B 89 2.69 -1.84 9.68
CA THR B 89 3.09 -0.84 10.65
C THR B 89 2.07 0.29 10.54
N LEU B 90 1.59 0.76 11.69
CA LEU B 90 0.66 1.87 11.71
C LEU B 90 1.45 3.10 12.12
N LEU B 91 1.11 4.22 11.51
CA LEU B 91 1.77 5.46 11.81
C LEU B 91 0.70 6.40 12.29
N LYS B 92 0.91 6.95 13.49
CA LYS B 92 0.01 7.91 14.09
C LYS B 92 0.61 9.27 13.74
N LEU B 93 -0.15 10.10 13.05
CA LEU B 93 0.31 11.42 12.64
C LEU B 93 0.22 12.41 13.80
N SER B 94 1.26 13.22 14.00
CA SER B 94 1.25 14.19 15.08
C SER B 94 0.39 15.35 14.63
N THR B 95 0.31 15.47 13.31
CA THR B 95 -0.47 16.50 12.64
C THR B 95 -1.48 15.80 11.70
N ALA B 96 -2.76 15.86 12.06
CA ALA B 96 -3.81 15.23 11.25
C ALA B 96 -3.94 15.73 9.80
N ALA B 97 -4.26 14.82 8.88
CA ALA B 97 -4.43 15.15 7.47
C ALA B 97 -5.76 15.87 7.28
N SER B 98 -5.80 16.77 6.31
CA SER B 98 -7.01 17.52 6.05
C SER B 98 -7.62 16.87 4.82
N PHE B 99 -8.75 16.20 4.99
CA PHE B 99 -9.37 15.55 3.85
C PHE B 99 -9.96 16.53 2.84
N SER B 100 -9.77 16.23 1.56
CA SER B 100 -10.24 17.07 0.47
C SER B 100 -10.63 16.15 -0.69
N GLN B 101 -10.71 16.70 -1.91
CA GLN B 101 -11.00 15.88 -3.09
C GLN B 101 -9.85 14.89 -3.39
N THR B 102 -8.62 15.32 -3.08
CA THR B 102 -7.41 14.54 -3.32
C THR B 102 -6.84 13.77 -2.11
N VAL B 103 -7.45 13.94 -0.94
CA VAL B 103 -6.99 13.27 0.27
C VAL B 103 -8.18 12.70 1.02
N SER B 104 -8.27 11.38 1.12
CA SER B 104 -9.34 10.72 1.81
C SER B 104 -8.92 9.29 2.22
N ALA B 105 -9.80 8.55 2.89
CA ALA B 105 -9.49 7.21 3.39
C ALA B 105 -9.92 6.02 2.53
N VAL B 106 -9.15 4.94 2.65
CA VAL B 106 -9.45 3.71 1.95
C VAL B 106 -10.22 2.92 2.99
N CYS B 107 -11.09 2.01 2.56
CA CYS B 107 -11.82 1.18 3.50
C CYS B 107 -10.96 -0.01 3.92
N LEU B 108 -11.19 -0.51 5.13
CA LEU B 108 -10.49 -1.71 5.62
C LEU B 108 -11.52 -2.84 5.61
N PRO B 109 -11.11 -4.08 5.29
CA PRO B 109 -12.10 -5.15 5.29
C PRO B 109 -12.42 -5.68 6.69
N SER B 110 -13.43 -6.54 6.78
CA SER B 110 -13.76 -7.22 8.04
C SER B 110 -12.83 -8.42 8.00
N ALA B 111 -12.40 -8.93 9.14
CA ALA B 111 -11.52 -10.08 9.14
C ALA B 111 -12.15 -11.29 8.45
N SER B 112 -13.44 -11.20 8.15
CA SER B 112 -14.19 -12.27 7.49
C SER B 112 -14.46 -12.01 6.01
N ASP B 113 -13.90 -10.92 5.46
CA ASP B 113 -14.12 -10.57 4.05
C ASP B 113 -13.41 -11.57 3.10
N ASP B 114 -14.12 -11.97 2.06
CA ASP B 114 -13.61 -12.91 1.07
C ASP B 114 -13.20 -12.23 -0.23
N PHE B 115 -11.96 -12.44 -0.64
CA PHE B 115 -11.45 -11.87 -1.87
C PHE B 115 -10.90 -13.05 -2.66
N ALA B 116 -11.72 -13.51 -3.60
CA ALA B 116 -11.47 -14.70 -4.43
C ALA B 116 -10.32 -14.66 -5.41
N ALA B 117 -9.75 -15.83 -5.67
CA ALA B 117 -8.65 -15.94 -6.63
C ALA B 117 -9.26 -15.59 -7.99
N GLY B 118 -8.52 -14.81 -8.78
CA GLY B 118 -8.98 -14.40 -10.09
C GLY B 118 -9.52 -12.99 -10.11
N THR B 119 -9.82 -12.44 -8.93
CA THR B 119 -10.33 -11.07 -8.80
C THR B 119 -9.25 -10.08 -9.24
N THR B 120 -9.64 -9.10 -10.05
CA THR B 120 -8.73 -8.08 -10.52
C THR B 120 -8.80 -6.89 -9.55
N CYS B 121 -7.65 -6.59 -8.95
CA CYS B 121 -7.54 -5.51 -8.00
C CYS B 121 -6.58 -4.52 -8.60
N VAL B 122 -6.21 -3.50 -7.84
CA VAL B 122 -5.31 -2.46 -8.34
C VAL B 122 -4.23 -2.18 -7.31
N THR B 123 -3.02 -1.89 -7.79
CA THR B 123 -1.95 -1.53 -6.88
C THR B 123 -1.36 -0.26 -7.43
N THR B 124 -0.90 0.63 -6.55
CA THR B 124 -0.38 1.94 -6.94
C THR B 124 0.91 2.25 -6.18
N GLY B 125 1.71 3.18 -6.71
CA GLY B 125 2.94 3.52 -6.03
C GLY B 125 3.92 4.24 -6.92
N TRP B 126 5.00 4.73 -6.32
CA TRP B 126 6.05 5.42 -7.07
C TRP B 126 7.30 4.54 -7.11
N GLY B 127 7.12 3.23 -7.04
CA GLY B 127 8.27 2.36 -7.09
C GLY B 127 8.86 2.29 -8.48
N LEU B 128 10.00 1.63 -8.60
CA LEU B 128 10.68 1.49 -9.87
C LEU B 128 9.74 0.96 -10.95
N THR B 129 9.80 1.55 -12.14
CA THR B 129 8.96 1.12 -13.27
C THR B 129 9.74 0.15 -14.15
N ARG B 130 11.05 0.11 -13.93
CA ARG B 130 11.96 -0.76 -14.66
C ARG B 130 13.09 -1.15 -13.72
N TYR B 131 13.36 -2.45 -13.63
CA TYR B 131 14.44 -2.97 -12.79
C TYR B 131 15.52 -3.65 -13.66
N THR C 3 13.23 6.09 -9.66
CA THR C 3 11.75 5.82 -9.62
C THR C 3 11.02 6.90 -10.42
N PRO C 4 9.73 6.68 -10.77
CA PRO C 4 8.99 7.69 -11.53
C PRO C 4 8.52 8.91 -10.70
N ASP C 5 8.38 10.05 -11.36
CA ASP C 5 7.90 11.27 -10.68
C ASP C 5 6.41 11.19 -10.37
N ARG C 6 5.66 10.65 -11.31
CA ARG C 6 4.21 10.56 -11.17
C ARG C 6 3.69 9.21 -10.74
N LEU C 7 2.58 9.24 -10.01
CA LEU C 7 1.94 8.05 -9.49
C LEU C 7 1.51 7.06 -10.59
N GLN C 8 1.90 5.80 -10.44
CA GLN C 8 1.57 4.75 -11.40
C GLN C 8 0.52 3.84 -10.77
N GLN C 9 -0.24 3.15 -11.60
CA GLN C 9 -1.26 2.22 -11.14
C GLN C 9 -1.16 1.02 -12.08
N ALA C 10 -1.74 -0.08 -11.67
CA ALA C 10 -1.79 -1.29 -12.47
C ALA C 10 -2.83 -2.22 -11.86
N SER C 11 -3.59 -2.87 -12.75
CA SER C 11 -4.61 -3.86 -12.41
C SER C 11 -3.85 -5.18 -12.39
N LEU C 12 -4.28 -6.11 -11.55
CA LEU C 12 -3.64 -7.40 -11.47
C LEU C 12 -4.54 -8.34 -10.72
N PRO C 13 -4.47 -9.64 -11.04
CA PRO C 13 -5.30 -10.66 -10.41
C PRO C 13 -4.75 -11.22 -9.12
N LEU C 14 -5.65 -11.59 -8.22
CA LEU C 14 -5.25 -12.21 -6.96
C LEU C 14 -5.09 -13.70 -7.28
N LEU C 15 -4.20 -14.38 -6.59
CA LEU C 15 -4.00 -15.81 -6.79
C LEU C 15 -4.31 -16.47 -5.46
N SER C 16 -4.51 -17.79 -5.47
CA SER C 16 -4.76 -18.49 -4.22
C SER C 16 -3.40 -18.73 -3.62
N ASN C 17 -3.33 -18.86 -2.30
CA ASN C 17 -2.05 -19.10 -1.64
C ASN C 17 -1.48 -20.43 -2.14
N THR C 18 -2.37 -21.41 -2.37
CA THR C 18 -1.95 -22.74 -2.86
C THR C 18 -1.23 -22.65 -4.20
N ASN C 19 -1.81 -21.89 -5.13
CA ASN C 19 -1.23 -21.69 -6.45
C ASN C 19 0.03 -20.82 -6.32
N CYS C 20 0.06 -19.90 -5.37
CA CYS C 20 1.22 -19.05 -5.17
C CYS C 20 2.42 -19.81 -4.61
N LYS C 21 2.15 -20.84 -3.81
CA LYS C 21 3.21 -21.66 -3.24
C LYS C 21 3.93 -22.44 -4.33
N LYS C 22 3.34 -22.49 -5.52
CA LYS C 22 3.97 -23.16 -6.63
C LYS C 22 5.19 -22.32 -7.05
N TYR C 23 5.12 -21.01 -6.83
CA TYR C 23 6.26 -20.14 -7.17
C TYR C 23 7.17 -19.94 -5.99
N TRP C 24 6.56 -19.69 -4.82
CA TRP C 24 7.33 -19.38 -3.61
C TRP C 24 7.47 -20.47 -2.56
N GLY C 25 6.82 -21.59 -2.78
CA GLY C 25 6.90 -22.68 -1.84
C GLY C 25 6.40 -22.28 -0.48
N THR C 26 7.11 -22.73 0.56
CA THR C 26 6.75 -22.47 1.94
C THR C 26 6.99 -21.05 2.49
N LYS C 27 7.49 -20.14 1.66
CA LYS C 27 7.69 -18.76 2.08
C LYS C 27 6.33 -18.07 2.21
N ILE C 28 5.32 -18.63 1.53
CA ILE C 28 3.96 -18.09 1.56
C ILE C 28 3.24 -18.45 2.86
N LYS C 29 3.17 -17.48 3.79
CA LYS C 29 2.51 -17.71 5.09
C LYS C 29 1.06 -17.27 5.02
N ASP C 30 0.29 -17.60 6.05
CA ASP C 30 -1.14 -17.28 6.11
C ASP C 30 -1.51 -15.80 6.09
N ALA C 31 -0.64 -14.95 6.62
CA ALA C 31 -0.91 -13.51 6.64
C ALA C 31 -0.37 -12.86 5.35
N MET C 32 -0.27 -13.66 4.29
CA MET C 32 0.22 -13.17 3.03
C MET C 32 -0.79 -13.47 1.95
N ILE C 33 -0.82 -12.62 0.93
CA ILE C 33 -1.72 -12.81 -0.18
C ILE C 33 -0.92 -12.48 -1.42
N CYS C 34 -1.08 -13.27 -2.48
CA CYS C 34 -0.33 -13.04 -3.71
C CYS C 34 -1.22 -12.45 -4.79
N ALA C 35 -0.59 -11.69 -5.69
CA ALA C 35 -1.26 -11.05 -6.82
C ALA C 35 -0.24 -10.75 -7.91
N GLY C 36 -0.68 -10.76 -9.16
CA GLY C 36 0.23 -10.43 -10.22
C GLY C 36 0.56 -11.63 -11.08
N ALA C 37 1.82 -11.74 -11.51
CA ALA C 37 2.28 -12.80 -12.40
C ALA C 37 1.45 -12.62 -13.67
N SER C 38 1.06 -11.36 -13.90
CA SER C 38 0.21 -11.01 -15.03
C SER C 38 0.78 -10.06 -16.06
N GLY C 39 2.07 -9.79 -16.00
CA GLY C 39 2.65 -8.87 -16.95
C GLY C 39 2.99 -7.55 -16.30
N VAL C 40 2.69 -7.42 -15.01
CA VAL C 40 3.00 -6.20 -14.23
C VAL C 40 3.59 -6.69 -12.91
N SER C 41 4.23 -5.79 -12.17
CA SER C 41 4.81 -6.14 -10.89
C SER C 41 5.10 -4.93 -10.01
N SER C 42 4.84 -5.06 -8.71
CA SER C 42 5.18 -4.02 -7.75
C SER C 42 6.71 -4.10 -7.74
N CYS C 43 7.40 -3.12 -7.18
CA CYS C 43 8.85 -3.15 -7.20
C CYS C 43 9.38 -2.31 -6.05
N MET C 44 10.70 -2.16 -5.96
CA MET C 44 11.28 -1.34 -4.91
C MET C 44 10.71 0.08 -4.97
N GLY C 45 10.34 0.61 -3.80
CA GLY C 45 9.77 1.95 -3.73
C GLY C 45 8.26 1.89 -3.58
N ASP C 46 7.67 0.76 -3.98
CA ASP C 46 6.23 0.54 -3.89
C ASP C 46 5.82 -0.02 -2.53
N SER C 47 6.79 -0.56 -1.79
CA SER C 47 6.54 -1.15 -0.47
C SER C 47 5.70 -0.29 0.46
N GLY C 48 4.77 -0.92 1.18
CA GLY C 48 3.92 -0.19 2.09
C GLY C 48 2.67 0.33 1.41
N GLY C 49 2.72 0.42 0.09
CA GLY C 49 1.59 0.89 -0.69
C GLY C 49 0.42 -0.07 -0.71
N PRO C 50 -0.73 0.38 -1.23
CA PRO C 50 -1.93 -0.47 -1.27
C PRO C 50 -2.17 -1.43 -2.43
N LEU C 51 -2.95 -2.47 -2.13
CA LEU C 51 -3.44 -3.43 -3.11
C LEU C 51 -4.92 -3.29 -2.78
N VAL C 52 -5.68 -2.61 -3.63
CA VAL C 52 -7.10 -2.42 -3.37
C VAL C 52 -8.04 -3.13 -4.33
N CYS C 53 -9.13 -3.63 -3.77
CA CYS C 53 -10.17 -4.31 -4.54
C CYS C 53 -11.50 -3.60 -4.29
N LYS C 54 -12.31 -3.48 -5.32
CA LYS C 54 -13.61 -2.82 -5.18
C LYS C 54 -14.62 -3.85 -4.68
N LYS C 55 -15.14 -3.62 -3.48
CA LYS C 55 -16.12 -4.49 -2.85
C LYS C 55 -17.37 -3.65 -2.52
N ASN C 56 -18.48 -4.02 -3.14
CA ASN C 56 -19.77 -3.33 -2.97
C ASN C 56 -19.70 -1.86 -3.34
N GLY C 57 -18.85 -1.51 -4.30
CA GLY C 57 -18.74 -0.13 -4.73
C GLY C 57 -17.66 0.74 -4.12
N ALA C 58 -16.98 0.25 -3.09
CA ALA C 58 -15.94 1.03 -2.44
C ALA C 58 -14.65 0.28 -2.52
N TRP C 59 -13.56 1.01 -2.66
CA TRP C 59 -12.24 0.41 -2.69
C TRP C 59 -11.83 0.04 -1.27
N THR C 60 -11.45 -1.21 -1.08
CA THR C 60 -11.03 -1.66 0.22
C THR C 60 -9.62 -2.24 0.17
N LEU C 61 -8.86 -1.96 1.23
CA LEU C 61 -7.47 -2.39 1.36
C LEU C 61 -7.34 -3.89 1.58
N VAL C 62 -6.92 -4.59 0.55
CA VAL C 62 -6.78 -6.04 0.65
C VAL C 62 -5.36 -6.45 0.97
N GLY C 63 -4.38 -5.69 0.49
CA GLY C 63 -3.00 -6.05 0.76
C GLY C 63 -2.13 -4.84 0.87
N ILE C 64 -0.92 -5.07 1.37
CA ILE C 64 0.08 -4.02 1.52
C ILE C 64 1.31 -4.58 0.80
N VAL C 65 1.87 -3.81 -0.13
CA VAL C 65 3.06 -4.27 -0.88
C VAL C 65 4.15 -4.73 0.08
N SER C 66 4.47 -6.03 0.02
CA SER C 66 5.41 -6.60 0.94
C SER C 66 6.72 -7.10 0.37
N TRP C 67 6.67 -8.09 -0.52
CA TRP C 67 7.91 -8.58 -1.11
C TRP C 67 7.63 -9.31 -2.38
N GLY C 68 8.69 -9.81 -2.99
CA GLY C 68 8.55 -10.54 -4.22
C GLY C 68 9.90 -10.73 -4.87
N SER C 69 9.86 -10.96 -6.18
CA SER C 69 11.03 -11.18 -7.02
C SER C 69 12.10 -10.10 -6.85
N SER C 70 13.35 -10.51 -6.60
CA SER C 70 14.43 -9.54 -6.44
C SER C 70 14.64 -8.72 -7.72
N THR C 71 14.05 -9.17 -8.80
CA THR C 71 14.14 -8.49 -10.09
C THR C 71 12.80 -7.90 -10.58
N CYS C 72 11.76 -8.01 -9.74
CA CYS C 72 10.44 -7.51 -10.08
C CYS C 72 9.90 -8.13 -11.36
N SER C 73 10.19 -9.41 -11.53
CA SER C 73 9.74 -10.18 -12.69
C SER C 73 8.22 -10.14 -12.80
N THR C 74 7.74 -9.66 -13.94
CA THR C 74 6.31 -9.54 -14.16
C THR C 74 5.60 -10.89 -14.36
N SER C 75 6.35 -11.98 -14.26
CA SER C 75 5.81 -13.33 -14.44
C SER C 75 5.75 -14.08 -13.12
N THR C 76 6.30 -13.48 -12.07
CA THR C 76 6.30 -14.09 -10.76
C THR C 76 5.26 -13.27 -9.96
N PRO C 77 4.50 -13.92 -9.06
CA PRO C 77 3.53 -13.10 -8.32
C PRO C 77 4.16 -12.30 -7.17
N GLY C 78 3.63 -11.12 -6.93
CA GLY C 78 4.11 -10.28 -5.85
C GLY C 78 3.43 -10.73 -4.57
N VAL C 79 4.07 -10.50 -3.42
CA VAL C 79 3.53 -10.88 -2.13
C VAL C 79 3.18 -9.63 -1.32
N TYR C 80 1.96 -9.63 -0.80
CA TYR C 80 1.40 -8.51 -0.04
C TYR C 80 0.94 -8.98 1.32
N ALA C 81 0.97 -8.09 2.31
CA ALA C 81 0.50 -8.48 3.63
C ALA C 81 -1.02 -8.59 3.50
N ARG C 82 -1.58 -9.70 3.97
CA ARG C 82 -3.02 -9.94 3.86
C ARG C 82 -3.71 -9.14 4.96
N VAL C 83 -4.32 -8.02 4.60
CA VAL C 83 -4.98 -7.11 5.55
C VAL C 83 -6.10 -7.73 6.40
N THR C 84 -6.81 -8.67 5.81
CA THR C 84 -7.88 -9.37 6.48
C THR C 84 -7.36 -10.14 7.73
N ALA C 85 -6.09 -10.55 7.70
CA ALA C 85 -5.49 -11.28 8.82
C ALA C 85 -4.87 -10.33 9.85
N LEU C 86 -4.84 -9.04 9.53
CA LEU C 86 -4.22 -8.05 10.40
C LEU C 86 -5.15 -6.93 10.83
N VAL C 87 -6.35 -6.90 10.27
CA VAL C 87 -7.30 -5.86 10.59
C VAL C 87 -7.71 -5.86 12.07
N ASN C 88 -7.66 -7.02 12.74
CA ASN C 88 -8.02 -7.03 14.16
C ASN C 88 -6.95 -6.31 14.98
N TRP C 89 -5.69 -6.43 14.58
CA TRP C 89 -4.63 -5.73 15.25
C TRP C 89 -4.80 -4.21 15.03
N VAL C 90 -5.14 -3.82 13.81
CA VAL C 90 -5.35 -2.41 13.49
C VAL C 90 -6.46 -1.82 14.36
N GLN C 91 -7.61 -2.50 14.40
CA GLN C 91 -8.76 -2.02 15.18
C GLN C 91 -8.42 -1.92 16.68
N GLN C 92 -7.53 -2.78 17.15
CA GLN C 92 -7.10 -2.80 18.56
C GLN C 92 -6.15 -1.63 18.82
N THR C 93 -5.20 -1.41 17.94
CA THR C 93 -4.25 -0.31 18.08
C THR C 93 -4.93 1.06 18.03
N LEU C 94 -5.85 1.25 17.10
CA LEU C 94 -6.56 2.53 16.98
C LEU C 94 -7.46 2.83 18.18
N ALA C 95 -7.97 1.77 18.81
CA ALA C 95 -8.83 1.92 19.95
C ALA C 95 -8.06 2.29 21.20
N ALA C 96 -6.83 1.84 21.29
CA ALA C 96 -6.04 2.12 22.47
C ALA C 96 -5.21 3.39 22.37
N ASN C 97 -5.09 3.96 21.18
CA ASN C 97 -4.27 5.17 20.97
C ASN C 97 -5.02 6.29 20.25
S SO4 D . 1.27 -4.45 19.63
O1 SO4 D . 0.09 -5.12 20.05
O2 SO4 D . 1.02 -3.04 19.35
O3 SO4 D . 2.27 -4.60 20.61
O4 SO4 D . 1.74 -5.04 18.45
S SO4 E . 7.33 9.98 -14.89
O1 SO4 E . 8.70 10.11 -14.43
O2 SO4 E . 7.15 8.74 -15.58
O3 SO4 E . 6.42 9.86 -13.83
O4 SO4 E . 7.01 11.12 -15.72
C1 V35 F . 9.19 -5.09 -3.25
C2 V35 F . 10.16 -5.80 -3.96
C3 V35 F . 9.79 -6.74 -4.92
C4 V35 F . 8.44 -6.96 -5.17
C5 V35 F . 7.47 -6.27 -4.46
C6 V35 F . 7.84 -5.34 -3.52
C7 V35 F . 9.58 -4.01 -2.27
C8 V35 F . 9.97 -4.50 -0.88
C9 V35 F . 13.25 -5.55 0.74
C V35 F . 11.80 -5.65 0.28
N V35 F . 11.38 -4.81 -0.66
O V35 F . 11.06 -6.52 0.76
O1B V35 F . 10.65 -2.34 0.21
B V35 F . 9.55 -3.32 0.18
CL4 V35 F . 7.86 -8.06 -6.37
#